data_6I4A
#
_entry.id   6I4A
#
_cell.length_a   36.071
_cell.length_b   66.485
_cell.length_c   63.193
_cell.angle_alpha   90.000
_cell.angle_beta   90.648
_cell.angle_gamma   90.000
#
_symmetry.space_group_name_H-M   'P 1 21 1'
#
loop_
_entity.id
_entity.type
_entity.pdbx_description
1 polymer 'UDP-3-O-acyl-N-acetylglucosamine deacetylase'
2 non-polymer 'ZINC ION'
3 non-polymer (2~{R})-4-[6-[4-[1-(hydroxymethyl)cyclopropyl]buta-1,3-diynyl]-3-oxidanylidene-1~{H}-pyrrolo[1,2-c]imidazol-2-yl]-2-methyl-2-methylsulfonyl-~{N}-oxidanyl-butanamide
4 water water
#
_entity_poly.entity_id   1
_entity_poly.type   'polypeptide(L)'
_entity_poly.pdbx_seq_one_letter_code
;MIKQRTLKNIIRATGVGLHSGEKVYLTLKPAPVDTGIVFSRTDLDPVVEIPARAENVGETTMSTTLVKGDVKVDTVEHLL
SAMAGLGIDNAYVELSASEVPIMDGSAGPFVFLIQSAGLQEQEAAKKFIRIKREVSVEEGDKRAVFVPFDGFKVSFEIDF
DHPVFRGRTQQASVDFSSTSFVKEVSRARTFGFMRDIEYLRSQNLALGGSVENAIVVDENRVLNEDGLRYEDEFVKHKIL
DAIGDLYLLGNSLIGEFRGFKSGHALNNQLLRTLIADKDAWEVVTFEDARTAPISYMRP
;
_entity_poly.pdbx_strand_id   AAA
#
loop_
_chem_comp.id
_chem_comp.type
_chem_comp.name
_chem_comp.formula
H2Q non-polymer (2~{R})-4-[6-[4-[1-(hydroxymethyl)cyclopropyl]buta-1,3-diynyl]-3-oxidanylidene-1~{H}-pyrrolo[1,2-c]imidazol-2-yl]-2-methyl-2-methylsulfonyl-~{N}-oxidanyl-butanamide 'C20 H23 N3 O6 S'
ZN non-polymer 'ZINC ION' 'Zn 2'
#
# COMPACT_ATOMS: atom_id res chain seq x y z
N MET A 1 -0.13 16.72 20.78
CA MET A 1 -0.04 16.71 19.29
C MET A 1 -0.16 15.27 18.77
N ILE A 2 -0.65 15.09 17.54
CA ILE A 2 -0.51 13.80 16.82
C ILE A 2 0.96 13.66 16.44
N LYS A 3 1.63 12.68 17.04
CA LYS A 3 3.10 12.51 17.00
C LYS A 3 3.48 11.57 15.86
N GLN A 4 4.69 11.73 15.33
CA GLN A 4 5.30 10.77 14.37
C GLN A 4 5.49 9.43 15.07
N ARG A 5 5.35 8.33 14.34
CA ARG A 5 5.50 6.96 14.89
C ARG A 5 6.59 6.23 14.13
N THR A 6 7.36 5.43 14.86
CA THR A 6 8.26 4.38 14.31
C THR A 6 7.89 3.05 14.95
N LEU A 7 8.69 2.01 14.70
CA LEU A 7 8.60 0.67 15.33
C LEU A 7 9.27 0.71 16.72
N LYS A 8 8.73 -0.04 17.68
CA LYS A 8 9.30 -0.15 19.05
C LYS A 8 10.50 -1.11 19.02
N ASN A 9 10.41 -2.19 18.25
CA ASN A 9 11.49 -3.19 18.05
C ASN A 9 11.65 -3.52 16.57
N ILE A 10 12.75 -4.20 16.25
CA ILE A 10 13.07 -4.71 14.89
C ILE A 10 12.20 -5.94 14.64
N ILE A 11 11.77 -6.12 13.39
CA ILE A 11 10.91 -7.23 12.93
C ILE A 11 11.64 -7.96 11.81
N ARG A 12 11.71 -9.28 11.89
CA ARG A 12 12.29 -10.16 10.85
C ARG A 12 11.19 -11.09 10.35
N ALA A 13 11.00 -11.15 9.03
CA ALA A 13 10.13 -12.12 8.33
C ALA A 13 10.92 -12.73 7.17
N THR A 14 10.56 -13.95 6.77
CA THR A 14 11.10 -14.65 5.58
C THR A 14 9.92 -15.05 4.68
N GLY A 15 10.02 -14.78 3.38
CA GLY A 15 8.95 -15.12 2.42
C GLY A 15 9.47 -15.32 1.01
N VAL A 16 8.60 -15.13 0.03
CA VAL A 16 8.89 -15.32 -1.43
C VAL A 16 8.36 -14.09 -2.18
N GLY A 17 9.04 -13.70 -3.27
CA GLY A 17 8.52 -12.72 -4.23
C GLY A 17 7.35 -13.30 -4.99
N LEU A 18 6.26 -12.54 -5.13
CA LEU A 18 5.06 -12.97 -5.89
C LEU A 18 5.45 -13.15 -7.37
N HIS A 19 6.20 -12.19 -7.91
CA HIS A 19 6.54 -12.10 -9.35
C HIS A 19 7.86 -12.84 -9.65
N SER A 20 8.86 -12.73 -8.77
CA SER A 20 10.22 -13.29 -9.00
C SER A 20 10.29 -14.75 -8.53
N GLY A 21 9.53 -15.12 -7.50
CA GLY A 21 9.55 -16.46 -6.89
C GLY A 21 10.80 -16.66 -6.06
N GLU A 22 11.47 -15.55 -5.69
CA GLU A 22 12.77 -15.56 -4.99
C GLU A 22 12.54 -15.54 -3.48
N LYS A 23 13.32 -16.33 -2.75
CA LYS A 23 13.38 -16.30 -1.26
C LYS A 23 13.95 -14.94 -0.86
N VAL A 24 13.30 -14.26 0.09
CA VAL A 24 13.74 -12.91 0.57
C VAL A 24 13.58 -12.87 2.09
N TYR A 25 14.55 -12.23 2.76
CA TYR A 25 14.52 -11.92 4.21
C TYR A 25 14.17 -10.45 4.36
N LEU A 26 13.16 -10.17 5.18
CA LEU A 26 12.64 -8.81 5.44
C LEU A 26 13.06 -8.43 6.86
N THR A 27 13.69 -7.26 7.00
CA THR A 27 14.02 -6.63 8.30
C THR A 27 13.48 -5.20 8.32
N LEU A 28 12.46 -4.96 9.14
CA LEU A 28 11.92 -3.60 9.46
C LEU A 28 12.65 -3.08 10.68
N LYS A 29 13.16 -1.84 10.63
CA LYS A 29 13.95 -1.24 11.72
C LYS A 29 13.34 0.10 12.13
N PRO A 30 13.44 0.48 13.41
CA PRO A 30 13.16 1.85 13.81
C PRO A 30 14.01 2.82 12.98
N ALA A 31 13.49 4.03 12.75
CA ALA A 31 14.18 5.09 11.99
C ALA A 31 13.87 6.42 12.66
N PRO A 32 14.77 7.42 12.57
CA PRO A 32 14.56 8.72 13.23
C PRO A 32 13.43 9.55 12.59
N VAL A 33 13.05 10.62 13.29
N VAL A 33 13.06 10.63 13.27
CA VAL A 33 11.96 11.57 12.90
CA VAL A 33 11.96 11.56 12.89
C VAL A 33 12.21 12.11 11.49
C VAL A 33 12.22 12.10 11.48
N ASP A 34 11.19 12.07 10.62
CA ASP A 34 11.21 12.62 9.23
C ASP A 34 12.12 11.81 8.31
N THR A 35 12.41 10.55 8.62
CA THR A 35 13.11 9.63 7.69
C THR A 35 12.15 9.19 6.57
N GLY A 36 10.87 9.01 6.88
CA GLY A 36 9.90 8.33 6.00
C GLY A 36 10.18 6.84 5.93
N ILE A 37 9.56 6.14 4.99
CA ILE A 37 9.84 4.69 4.74
C ILE A 37 10.94 4.61 3.67
N VAL A 38 12.08 4.00 4.02
CA VAL A 38 13.24 3.81 3.12
C VAL A 38 13.47 2.30 2.95
N PHE A 39 13.38 1.82 1.71
CA PHE A 39 13.71 0.42 1.33
C PHE A 39 15.23 0.33 1.15
N SER A 40 15.81 -0.83 1.48
CA SER A 40 17.28 -1.07 1.45
C SER A 40 17.58 -2.48 0.92
N ARG A 41 18.24 -2.55 -0.24
CA ARG A 41 18.75 -3.82 -0.82
C ARG A 41 20.07 -4.19 -0.13
N THR A 42 20.00 -4.99 0.95
CA THR A 42 21.16 -5.33 1.83
C THR A 42 21.94 -6.51 1.25
N ASP A 43 21.47 -7.13 0.16
CA ASP A 43 22.20 -8.21 -0.55
C ASP A 43 23.30 -7.61 -1.43
N LEU A 44 23.24 -6.31 -1.73
CA LEU A 44 24.22 -5.60 -2.60
C LEU A 44 25.29 -4.95 -1.71
N ASP A 45 26.50 -4.81 -2.28
CA ASP A 45 27.67 -4.13 -1.67
C ASP A 45 28.14 -3.05 -2.63
N PRO A 46 27.99 -1.75 -2.31
CA PRO A 46 27.38 -1.29 -1.06
C PRO A 46 25.85 -1.47 -1.05
N VAL A 47 25.27 -1.41 0.15
CA VAL A 47 23.80 -1.41 0.38
C VAL A 47 23.20 -0.27 -0.45
N VAL A 48 22.08 -0.50 -1.14
CA VAL A 48 21.42 0.53 -2.02
C VAL A 48 20.06 0.89 -1.42
N GLU A 49 19.90 2.15 -0.98
CA GLU A 49 18.70 2.65 -0.26
C GLU A 49 17.81 3.45 -1.20
N ILE A 50 16.52 3.10 -1.30
CA ILE A 50 15.51 3.83 -2.12
C ILE A 50 14.37 4.27 -1.22
N PRO A 51 14.22 5.59 -0.92
CA PRO A 51 13.05 6.08 -0.20
C PRO A 51 11.75 5.70 -0.93
N ALA A 52 10.73 5.30 -0.17
CA ALA A 52 9.39 4.98 -0.68
C ALA A 52 8.67 6.30 -1.01
N ARG A 53 8.92 6.84 -2.20
CA ARG A 53 8.36 8.14 -2.67
C ARG A 53 7.94 8.03 -4.14
N ALA A 54 6.98 8.86 -4.55
CA ALA A 54 6.37 8.87 -5.89
C ALA A 54 7.44 9.01 -6.98
N GLU A 55 8.42 9.88 -6.75
CA GLU A 55 9.51 10.22 -7.72
C GLU A 55 10.38 8.99 -8.01
N ASN A 56 10.46 8.02 -7.10
CA ASN A 56 11.37 6.83 -7.19
C ASN A 56 10.65 5.65 -7.85
N VAL A 57 9.37 5.77 -8.18
CA VAL A 57 8.59 4.66 -8.81
C VAL A 57 9.12 4.46 -10.23
N GLY A 58 9.36 3.20 -10.62
CA GLY A 58 9.80 2.81 -11.97
C GLY A 58 8.63 2.32 -12.78
N GLU A 59 8.57 1.01 -13.07
CA GLU A 59 7.43 0.39 -13.79
C GLU A 59 6.31 0.19 -12.77
N THR A 60 5.06 0.15 -13.27
CA THR A 60 3.83 -0.04 -12.48
C THR A 60 3.01 -1.15 -13.15
N THR A 61 3.70 -2.25 -13.50
CA THR A 61 3.17 -3.40 -14.29
C THR A 61 2.93 -4.59 -13.35
N MET A 62 1.68 -4.84 -12.99
CA MET A 62 1.23 -5.92 -12.06
C MET A 62 1.76 -5.69 -10.63
N SER A 63 2.38 -4.55 -10.35
CA SER A 63 2.77 -4.09 -8.99
C SER A 63 3.41 -2.70 -9.05
N THR A 64 3.67 -2.10 -7.89
CA THR A 64 4.42 -0.82 -7.72
C THR A 64 5.90 -1.15 -7.45
N THR A 65 6.79 -0.70 -8.33
CA THR A 65 8.25 -0.97 -8.31
C THR A 65 9.02 0.34 -8.13
N LEU A 66 9.84 0.42 -7.08
CA LEU A 66 10.81 1.53 -6.85
C LEU A 66 12.11 1.21 -7.58
N VAL A 67 12.73 2.20 -8.23
CA VAL A 67 13.98 2.04 -9.04
C VAL A 67 14.97 3.15 -8.68
N LYS A 68 16.25 2.78 -8.60
CA LYS A 68 17.43 3.70 -8.57
C LYS A 68 18.56 3.06 -9.37
N GLY A 69 18.94 3.67 -10.50
CA GLY A 69 19.81 3.05 -11.51
C GLY A 69 19.19 1.77 -12.06
N ASP A 70 19.95 0.68 -12.08
CA ASP A 70 19.52 -0.66 -12.57
C ASP A 70 18.84 -1.44 -11.42
N VAL A 71 18.79 -0.88 -10.21
CA VAL A 71 18.41 -1.58 -8.94
C VAL A 71 16.92 -1.33 -8.65
N LYS A 72 16.20 -2.37 -8.23
CA LYS A 72 14.72 -2.33 -8.03
C LYS A 72 14.34 -2.86 -6.65
N VAL A 73 13.24 -2.32 -6.11
CA VAL A 73 12.47 -2.91 -4.99
C VAL A 73 11.02 -3.08 -5.49
N ASP A 74 10.59 -4.31 -5.76
CA ASP A 74 9.29 -4.61 -6.42
C ASP A 74 8.23 -4.95 -5.36
N THR A 75 6.96 -4.66 -5.66
CA THR A 75 5.75 -5.06 -4.89
C THR A 75 5.82 -4.45 -3.48
N VAL A 76 5.82 -3.12 -3.40
CA VAL A 76 5.93 -2.37 -2.12
C VAL A 76 4.54 -2.04 -1.58
N GLU A 77 3.49 -2.21 -2.39
CA GLU A 77 2.13 -1.64 -2.16
C GLU A 77 1.51 -2.23 -0.89
N HIS A 78 1.62 -3.52 -0.64
CA HIS A 78 0.95 -4.22 0.49
C HIS A 78 1.64 -3.85 1.80
N LEU A 79 2.97 -3.83 1.84
CA LEU A 79 3.74 -3.48 3.05
C LEU A 79 3.52 -2.00 3.37
N LEU A 80 3.55 -1.13 2.36
CA LEU A 80 3.33 0.33 2.51
C LEU A 80 1.90 0.57 3.01
N SER A 81 0.95 -0.21 2.49
CA SER A 81 -0.47 -0.20 2.92
C SER A 81 -0.52 -0.42 4.44
N ALA A 82 0.22 -1.40 4.95
CA ALA A 82 0.25 -1.83 6.38
C ALA A 82 0.81 -0.71 7.25
N MET A 83 1.91 -0.10 6.80
N MET A 83 1.88 -0.06 6.80
CA MET A 83 2.62 1.03 7.45
CA MET A 83 2.57 1.03 7.55
C MET A 83 1.70 2.25 7.49
C MET A 83 1.72 2.31 7.50
N ALA A 84 1.14 2.61 6.34
CA ALA A 84 0.15 3.70 6.15
C ALA A 84 -1.04 3.48 7.09
N GLY A 85 -1.60 2.27 7.10
CA GLY A 85 -2.76 1.87 7.93
C GLY A 85 -2.51 2.04 9.41
N LEU A 86 -1.31 1.69 9.89
CA LEU A 86 -0.94 1.71 11.33
C LEU A 86 -0.37 3.08 11.71
N GLY A 87 -0.15 3.96 10.73
CA GLY A 87 0.35 5.33 10.92
C GLY A 87 1.85 5.38 11.21
N ILE A 88 2.64 4.60 10.47
N ILE A 88 2.65 4.58 10.50
CA ILE A 88 4.13 4.49 10.61
CA ILE A 88 4.13 4.52 10.67
C ILE A 88 4.78 5.54 9.70
C ILE A 88 4.80 5.52 9.72
N ASP A 89 5.38 6.58 10.30
CA ASP A 89 6.07 7.66 9.56
C ASP A 89 7.44 7.15 9.08
N ASN A 90 8.25 6.62 10.01
CA ASN A 90 9.72 6.42 9.84
C ASN A 90 10.09 4.95 10.07
N ALA A 91 10.74 4.31 9.09
CA ALA A 91 11.20 2.91 9.16
C ALA A 91 12.15 2.57 8.00
N TYR A 92 13.24 1.86 8.30
CA TYR A 92 14.12 1.19 7.29
C TYR A 92 13.56 -0.20 7.03
N VAL A 93 13.27 -0.49 5.77
CA VAL A 93 12.84 -1.83 5.26
C VAL A 93 14.02 -2.42 4.50
N GLU A 94 14.75 -3.34 5.14
CA GLU A 94 15.87 -4.08 4.51
C GLU A 94 15.28 -5.31 3.80
N LEU A 95 15.75 -5.57 2.58
CA LEU A 95 15.41 -6.77 1.76
C LEU A 95 16.71 -7.44 1.31
N SER A 96 16.76 -8.77 1.35
CA SER A 96 17.90 -9.61 0.86
C SER A 96 17.74 -9.88 -0.65
N ALA A 97 16.68 -9.39 -1.27
CA ALA A 97 16.37 -9.61 -2.71
C ALA A 97 15.46 -8.50 -3.21
N SER A 98 15.19 -8.47 -4.52
CA SER A 98 14.60 -7.33 -5.27
C SER A 98 13.12 -7.12 -4.91
N GLU A 99 12.42 -8.14 -4.44
CA GLU A 99 10.95 -8.08 -4.23
C GLU A 99 10.59 -8.33 -2.77
N VAL A 100 9.61 -7.59 -2.26
CA VAL A 100 9.00 -7.72 -0.91
C VAL A 100 8.31 -9.08 -0.87
N PRO A 101 8.37 -9.83 0.25
CA PRO A 101 7.70 -11.12 0.34
C PRO A 101 6.17 -10.94 0.26
N ILE A 102 5.50 -11.80 -0.49
CA ILE A 102 4.04 -11.74 -0.74
C ILE A 102 3.25 -12.13 0.52
N MET A 103 3.81 -12.98 1.41
CA MET A 103 3.12 -13.49 2.62
C MET A 103 1.85 -14.24 2.17
N ASP A 104 0.68 -14.00 2.78
CA ASP A 104 -0.61 -14.67 2.42
C ASP A 104 -1.30 -13.95 1.25
N GLY A 105 -0.72 -12.85 0.75
CA GLY A 105 -1.30 -11.97 -0.29
C GLY A 105 -1.91 -10.70 0.29
N SER A 106 -2.06 -10.64 1.62
CA SER A 106 -2.71 -9.53 2.36
C SER A 106 -1.66 -8.68 3.08
N ALA A 107 -2.10 -7.71 3.87
CA ALA A 107 -1.24 -6.89 4.76
C ALA A 107 -1.34 -7.43 6.19
N GLY A 108 -2.14 -8.48 6.41
CA GLY A 108 -2.44 -9.07 7.72
C GLY A 108 -1.18 -9.51 8.46
N PRO A 109 -0.37 -10.42 7.87
CA PRO A 109 0.89 -10.82 8.48
C PRO A 109 1.79 -9.63 8.85
N PHE A 110 1.86 -8.59 8.00
CA PHE A 110 2.63 -7.35 8.27
C PHE A 110 2.05 -6.61 9.48
N VAL A 111 0.73 -6.39 9.53
CA VAL A 111 0.09 -5.63 10.65
C VAL A 111 0.26 -6.44 11.94
N PHE A 112 0.13 -7.76 11.86
CA PHE A 112 0.34 -8.68 13.01
C PHE A 112 1.78 -8.54 13.53
N LEU A 113 2.76 -8.69 12.64
CA LEU A 113 4.19 -8.68 13.02
C LEU A 113 4.54 -7.31 13.61
N ILE A 114 4.07 -6.24 12.97
CA ILE A 114 4.36 -4.85 13.41
C ILE A 114 3.75 -4.61 14.80
N GLN A 115 2.50 -5.00 15.01
CA GLN A 115 1.78 -4.70 16.29
C GLN A 115 2.30 -5.63 17.39
N SER A 116 2.78 -6.83 17.06
CA SER A 116 3.49 -7.74 17.99
C SER A 116 4.70 -7.03 18.56
N ALA A 117 5.50 -6.41 17.68
CA ALA A 117 6.70 -5.60 18.01
C ALA A 117 6.25 -4.29 18.69
N GLY A 118 5.21 -3.66 18.14
CA GLY A 118 4.58 -2.44 18.70
C GLY A 118 5.21 -1.18 18.14
N LEU A 119 4.60 -0.02 18.42
CA LEU A 119 5.01 1.30 17.84
C LEU A 119 5.58 2.20 18.93
N GLN A 120 6.39 3.18 18.50
CA GLN A 120 7.04 4.20 19.36
C GLN A 120 6.65 5.58 18.83
N GLU A 121 5.79 6.29 19.57
CA GLU A 121 5.51 7.73 19.29
C GLU A 121 6.83 8.48 19.48
N GLN A 122 7.11 9.43 18.59
CA GLN A 122 8.38 10.21 18.56
C GLN A 122 8.07 11.67 18.89
N GLU A 123 9.07 12.42 19.36
CA GLU A 123 8.91 13.82 19.85
C GLU A 123 9.01 14.78 18.66
N ALA A 124 8.02 14.68 17.76
CA ALA A 124 7.88 15.53 16.56
C ALA A 124 6.45 15.38 16.03
N ALA A 125 5.91 16.44 15.44
CA ALA A 125 4.52 16.49 14.93
C ALA A 125 4.41 15.59 13.70
N LYS A 126 3.40 14.71 13.66
CA LYS A 126 3.09 13.93 12.45
C LYS A 126 2.60 14.93 11.39
N LYS A 127 3.17 14.86 10.19
CA LYS A 127 2.78 15.72 9.04
C LYS A 127 1.77 14.96 8.20
N PHE A 128 0.73 15.66 7.74
CA PHE A 128 -0.34 15.14 6.86
C PHE A 128 -0.41 16.01 5.60
N ILE A 129 -0.77 15.39 4.46
N ILE A 129 -0.76 15.39 4.46
CA ILE A 129 -1.02 16.09 3.17
CA ILE A 129 -1.01 16.10 3.17
C ILE A 129 -2.53 16.27 3.01
C ILE A 129 -2.53 16.27 3.01
N ARG A 130 -3.02 17.48 3.26
CA ARG A 130 -4.46 17.82 3.13
C ARG A 130 -4.76 18.17 1.67
N ILE A 131 -5.72 17.46 1.06
CA ILE A 131 -6.27 17.73 -0.30
C ILE A 131 -7.11 19.01 -0.23
N LYS A 132 -6.80 20.00 -1.06
CA LYS A 132 -7.41 21.36 -1.05
C LYS A 132 -8.37 21.55 -2.23
N ARG A 133 -8.11 20.89 -3.36
CA ARG A 133 -8.98 20.91 -4.56
C ARG A 133 -9.09 19.49 -5.13
N GLU A 134 -10.14 19.24 -5.93
N GLU A 134 -10.15 19.24 -5.92
CA GLU A 134 -10.28 17.97 -6.69
CA GLU A 134 -10.27 17.98 -6.71
C GLU A 134 -9.10 17.86 -7.66
C GLU A 134 -9.06 17.88 -7.63
N VAL A 135 -8.48 16.67 -7.72
CA VAL A 135 -7.38 16.34 -8.68
C VAL A 135 -7.73 14.98 -9.27
N SER A 136 -8.01 14.92 -10.56
CA SER A 136 -8.47 13.69 -11.26
C SER A 136 -7.50 13.35 -12.38
N VAL A 137 -7.35 12.06 -12.70
CA VAL A 137 -6.65 11.56 -13.92
C VAL A 137 -7.48 10.42 -14.53
N GLU A 138 -7.41 10.29 -15.85
CA GLU A 138 -8.22 9.34 -16.66
C GLU A 138 -7.34 8.75 -17.76
N GLU A 139 -7.31 7.42 -17.88
CA GLU A 139 -6.71 6.67 -19.02
C GLU A 139 -7.88 6.00 -19.75
N GLY A 140 -8.56 6.78 -20.60
CA GLY A 140 -9.84 6.40 -21.22
C GLY A 140 -10.92 6.20 -20.17
N ASP A 141 -11.29 4.95 -19.90
CA ASP A 141 -12.41 4.56 -19.00
C ASP A 141 -11.91 4.47 -17.54
N LYS A 142 -10.69 3.99 -17.32
CA LYS A 142 -10.04 3.90 -15.98
C LYS A 142 -9.90 5.33 -15.44
N ARG A 143 -9.99 5.51 -14.11
CA ARG A 143 -10.16 6.86 -13.50
C ARG A 143 -9.76 6.85 -12.01
N ALA A 144 -9.06 7.89 -11.58
CA ALA A 144 -8.52 8.07 -10.21
C ALA A 144 -8.62 9.55 -9.82
N VAL A 145 -9.11 9.86 -8.62
CA VAL A 145 -9.36 11.26 -8.19
C VAL A 145 -9.15 11.41 -6.67
N PHE A 146 -8.54 12.53 -6.27
CA PHE A 146 -8.52 13.08 -4.89
C PHE A 146 -9.54 14.20 -4.79
N VAL A 147 -10.44 14.16 -3.81
CA VAL A 147 -11.35 15.30 -3.48
C VAL A 147 -11.10 15.66 -2.01
N PRO A 148 -11.22 16.96 -1.63
CA PRO A 148 -11.18 17.35 -0.22
C PRO A 148 -12.17 16.55 0.64
N PHE A 149 -11.75 16.19 1.85
CA PHE A 149 -12.57 15.51 2.89
C PHE A 149 -11.89 15.71 4.25
N ASP A 150 -12.67 15.85 5.32
CA ASP A 150 -12.18 16.07 6.70
C ASP A 150 -11.99 14.70 7.36
N GLY A 151 -10.85 14.07 7.10
CA GLY A 151 -10.51 12.70 7.52
C GLY A 151 -9.91 11.92 6.37
N PHE A 152 -9.87 10.60 6.47
CA PHE A 152 -9.30 9.72 5.43
C PHE A 152 -10.35 8.70 5.01
N LYS A 153 -10.67 8.68 3.71
CA LYS A 153 -11.73 7.83 3.13
C LYS A 153 -11.29 7.39 1.73
N VAL A 154 -11.48 6.11 1.41
CA VAL A 154 -11.06 5.50 0.11
C VAL A 154 -12.26 4.74 -0.46
N SER A 155 -12.63 5.08 -1.69
CA SER A 155 -13.76 4.49 -2.45
C SER A 155 -13.21 3.90 -3.74
N PHE A 156 -13.77 2.78 -4.19
CA PHE A 156 -13.26 2.04 -5.36
C PHE A 156 -14.36 1.17 -5.96
N GLU A 157 -14.32 1.01 -7.29
CA GLU A 157 -15.30 0.22 -8.08
C GLU A 157 -14.54 -0.63 -9.11
N ILE A 158 -14.59 -1.95 -8.97
CA ILE A 158 -14.30 -2.95 -10.04
C ILE A 158 -15.45 -2.88 -11.04
N ASP A 159 -15.14 -2.77 -12.34
CA ASP A 159 -16.17 -2.56 -13.39
C ASP A 159 -16.35 -3.82 -14.25
N PHE A 160 -15.41 -4.78 -14.19
CA PHE A 160 -15.24 -5.83 -15.23
C PHE A 160 -16.13 -7.05 -14.93
N ASP A 161 -16.49 -7.75 -16.01
CA ASP A 161 -17.51 -8.84 -16.05
C ASP A 161 -16.82 -10.19 -15.87
N HIS A 162 -17.00 -10.81 -14.70
CA HIS A 162 -16.58 -12.20 -14.39
C HIS A 162 -17.60 -12.82 -13.42
N PRO A 163 -18.05 -14.07 -13.67
CA PRO A 163 -19.04 -14.73 -12.82
C PRO A 163 -18.82 -14.68 -11.29
N VAL A 164 -17.57 -14.56 -10.85
CA VAL A 164 -17.17 -14.76 -9.43
C VAL A 164 -17.69 -13.62 -8.55
N PHE A 165 -17.95 -12.43 -9.12
CA PHE A 165 -18.40 -11.22 -8.38
C PHE A 165 -19.89 -11.33 -8.00
N ARG A 166 -20.51 -12.50 -8.24
CA ARG A 166 -21.90 -12.82 -7.83
C ARG A 166 -22.87 -11.84 -8.52
N THR A 169 -21.39 -6.58 -9.17
CA THR A 169 -20.45 -5.44 -9.14
C THR A 169 -19.79 -5.34 -7.75
N GLN A 170 -18.46 -5.27 -7.72
CA GLN A 170 -17.65 -5.03 -6.51
C GLN A 170 -17.38 -3.52 -6.38
N GLN A 171 -18.16 -2.85 -5.52
CA GLN A 171 -17.89 -1.47 -5.02
C GLN A 171 -17.66 -1.56 -3.51
N ALA A 172 -16.96 -0.58 -2.94
CA ALA A 172 -16.83 -0.37 -1.49
C ALA A 172 -16.33 1.06 -1.24
N SER A 173 -16.66 1.62 -0.07
CA SER A 173 -16.25 2.98 0.37
C SER A 173 -16.05 2.96 1.88
N VAL A 174 -14.81 3.16 2.34
CA VAL A 174 -14.41 2.97 3.75
C VAL A 174 -13.83 4.28 4.29
N ASP A 175 -14.18 4.63 5.52
CA ASP A 175 -13.69 5.82 6.26
C ASP A 175 -12.66 5.36 7.30
N PHE A 176 -11.38 5.74 7.12
CA PHE A 176 -10.24 5.40 8.01
C PHE A 176 -9.82 6.63 8.84
N SER A 177 -10.73 7.57 9.08
CA SER A 177 -10.51 8.74 9.97
C SER A 177 -10.24 8.24 11.39
N SER A 178 -11.02 7.26 11.85
CA SER A 178 -10.80 6.49 13.10
C SER A 178 -9.95 5.25 12.76
N THR A 179 -10.05 4.17 13.55
CA THR A 179 -9.14 3.01 13.54
C THR A 179 -9.84 1.79 12.90
N SER A 180 -10.14 1.86 11.60
CA SER A 180 -10.98 0.89 10.85
C SER A 180 -10.13 -0.07 9.99
N PHE A 181 -8.86 0.26 9.71
CA PHE A 181 -8.01 -0.38 8.66
C PHE A 181 -7.81 -1.87 8.91
N VAL A 182 -7.41 -2.27 10.12
CA VAL A 182 -7.10 -3.68 10.49
C VAL A 182 -8.36 -4.52 10.24
N LYS A 183 -9.48 -4.12 10.84
CA LYS A 183 -10.79 -4.82 10.71
C LYS A 183 -11.18 -4.90 9.23
N GLU A 184 -11.23 -3.75 8.55
CA GLU A 184 -11.95 -3.58 7.27
C GLU A 184 -11.21 -4.23 6.10
N VAL A 185 -9.94 -3.86 5.87
CA VAL A 185 -9.21 -4.15 4.59
C VAL A 185 -7.94 -4.99 4.80
N SER A 186 -7.32 -4.97 5.98
CA SER A 186 -5.93 -5.50 6.18
C SER A 186 -5.77 -6.91 5.59
N ARG A 187 -6.77 -7.79 5.76
CA ARG A 187 -6.69 -9.23 5.42
C ARG A 187 -7.19 -9.51 3.99
N ALA A 188 -7.49 -8.48 3.21
CA ALA A 188 -7.90 -8.61 1.78
C ALA A 188 -6.69 -9.06 0.95
N ARG A 189 -6.75 -10.28 0.42
CA ARG A 189 -5.65 -10.90 -0.36
C ARG A 189 -5.68 -10.38 -1.81
N THR A 190 -4.51 -10.34 -2.45
CA THR A 190 -4.35 -10.08 -3.89
C THR A 190 -5.10 -11.19 -4.65
N PHE A 191 -5.29 -11.04 -5.95
CA PHE A 191 -6.05 -12.02 -6.76
C PHE A 191 -5.59 -11.99 -8.22
N GLY A 192 -5.60 -13.17 -8.86
CA GLY A 192 -5.22 -13.36 -10.27
C GLY A 192 -6.04 -14.45 -10.92
N PHE A 193 -6.08 -14.46 -12.26
CA PHE A 193 -6.94 -15.35 -13.07
C PHE A 193 -6.09 -16.44 -13.73
N MET A 194 -6.53 -17.69 -13.59
CA MET A 194 -5.93 -18.88 -14.26
C MET A 194 -5.68 -18.56 -15.74
N ARG A 195 -6.60 -17.80 -16.36
CA ARG A 195 -6.53 -17.33 -17.77
C ARG A 195 -5.17 -16.69 -18.08
N ASP A 196 -4.63 -15.90 -17.15
CA ASP A 196 -3.50 -14.96 -17.40
C ASP A 196 -2.14 -15.59 -17.03
N ILE A 197 -2.12 -16.71 -16.31
CA ILE A 197 -0.89 -17.26 -15.67
C ILE A 197 0.14 -17.61 -16.75
N GLU A 198 -0.23 -18.41 -17.76
CA GLU A 198 0.67 -18.82 -18.87
C GLU A 198 1.46 -17.61 -19.39
N TYR A 199 0.77 -16.51 -19.70
CA TYR A 199 1.34 -15.27 -20.27
C TYR A 199 2.22 -14.56 -19.23
N LEU A 200 1.72 -14.38 -18.00
CA LEU A 200 2.42 -13.63 -16.92
C LEU A 200 3.79 -14.27 -16.64
N ARG A 201 3.82 -15.61 -16.51
CA ARG A 201 5.06 -16.39 -16.31
C ARG A 201 6.01 -16.18 -17.48
N SER A 202 5.48 -15.98 -18.70
CA SER A 202 6.27 -15.75 -19.95
C SER A 202 6.96 -14.38 -19.90
N GLN A 203 6.42 -13.41 -19.14
CA GLN A 203 7.03 -12.07 -18.92
C GLN A 203 7.66 -12.01 -17.52
N ASN A 204 8.01 -13.17 -16.94
CA ASN A 204 8.67 -13.30 -15.61
C ASN A 204 7.82 -12.66 -14.51
N LEU A 205 6.50 -12.93 -14.51
CA LEU A 205 5.58 -12.44 -13.45
C LEU A 205 4.77 -13.62 -12.90
N ALA A 206 4.25 -13.47 -11.68
CA ALA A 206 3.41 -14.45 -10.95
C ALA A 206 4.18 -15.75 -10.68
N LEU A 207 5.50 -15.75 -10.79
CA LEU A 207 6.35 -16.97 -10.69
C LEU A 207 6.19 -17.57 -9.29
N GLY A 208 6.01 -16.73 -8.26
CA GLY A 208 5.79 -17.16 -6.87
C GLY A 208 4.32 -17.24 -6.51
N GLY A 209 3.43 -17.07 -7.49
CA GLY A 209 1.97 -17.04 -7.29
C GLY A 209 1.41 -18.43 -7.04
N SER A 210 0.52 -18.56 -6.06
CA SER A 210 -0.18 -19.83 -5.71
C SER A 210 -1.38 -19.50 -4.82
N VAL A 211 -2.18 -20.54 -4.53
CA VAL A 211 -3.37 -20.47 -3.63
C VAL A 211 -2.94 -20.05 -2.21
N GLU A 212 -1.66 -20.21 -1.86
CA GLU A 212 -1.12 -19.95 -0.50
C GLU A 212 -1.02 -18.45 -0.24
N ASN A 213 -0.74 -17.66 -1.29
CA ASN A 213 -0.42 -16.21 -1.18
C ASN A 213 -1.40 -15.36 -2.01
N ALA A 214 -2.49 -15.93 -2.54
CA ALA A 214 -3.40 -15.25 -3.47
C ALA A 214 -4.74 -15.99 -3.63
N ILE A 215 -5.79 -15.23 -3.97
CA ILE A 215 -7.07 -15.79 -4.50
C ILE A 215 -6.85 -16.07 -5.98
N VAL A 216 -6.92 -17.35 -6.38
CA VAL A 216 -6.75 -17.80 -7.79
C VAL A 216 -8.14 -18.11 -8.36
N VAL A 217 -8.47 -17.49 -9.49
CA VAL A 217 -9.85 -17.41 -10.05
C VAL A 217 -9.88 -18.12 -11.41
N ASP A 218 -10.44 -19.33 -11.46
N ASP A 218 -10.44 -19.32 -11.47
CA ASP A 218 -10.70 -20.07 -12.72
CA ASP A 218 -10.67 -20.05 -12.75
C ASP A 218 -11.87 -19.41 -13.45
C ASP A 218 -11.91 -19.44 -13.41
N GLU A 219 -12.35 -20.01 -14.54
CA GLU A 219 -13.46 -19.47 -15.38
C GLU A 219 -14.70 -19.14 -14.53
N ASN A 220 -15.08 -20.02 -13.61
CA ASN A 220 -16.39 -19.95 -12.88
C ASN A 220 -16.20 -19.90 -11.35
N ARG A 221 -15.16 -20.53 -10.80
CA ARG A 221 -15.00 -20.71 -9.33
C ARG A 221 -13.65 -20.16 -8.87
N VAL A 222 -13.62 -19.63 -7.63
CA VAL A 222 -12.39 -19.49 -6.79
C VAL A 222 -11.84 -20.91 -6.59
N LEU A 223 -10.53 -21.10 -6.74
CA LEU A 223 -9.87 -22.43 -6.62
C LEU A 223 -9.47 -22.68 -5.17
N ASN A 224 -9.05 -21.63 -4.45
CA ASN A 224 -8.66 -21.70 -3.02
C ASN A 224 -9.60 -22.66 -2.30
N GLU A 225 -9.05 -23.69 -1.66
CA GLU A 225 -9.79 -24.69 -0.85
C GLU A 225 -10.85 -23.97 0.01
N ASP A 226 -10.46 -22.91 0.73
CA ASP A 226 -11.23 -22.32 1.86
C ASP A 226 -11.92 -21.00 1.46
N GLY A 227 -11.91 -20.64 0.16
CA GLY A 227 -12.75 -19.54 -0.38
C GLY A 227 -12.33 -18.16 0.11
N LEU A 228 -13.31 -17.27 0.30
CA LEU A 228 -13.08 -15.82 0.56
C LEU A 228 -13.16 -15.50 2.06
N ARG A 229 -12.50 -14.41 2.47
CA ARG A 229 -12.45 -13.87 3.85
C ARG A 229 -13.56 -12.83 4.03
N TYR A 230 -13.91 -12.14 2.95
CA TYR A 230 -15.05 -11.21 2.83
C TYR A 230 -15.72 -11.42 1.45
N GLU A 231 -17.01 -11.14 1.34
CA GLU A 231 -17.75 -11.28 0.05
C GLU A 231 -17.19 -10.24 -0.94
N ASP A 232 -16.76 -9.08 -0.43
CA ASP A 232 -16.18 -7.95 -1.22
C ASP A 232 -14.65 -7.94 -1.07
N GLU A 233 -14.01 -9.11 -0.97
CA GLU A 233 -12.56 -9.23 -0.73
C GLU A 233 -11.79 -8.60 -1.89
N PHE A 234 -12.23 -8.84 -3.13
CA PHE A 234 -11.55 -8.37 -4.36
C PHE A 234 -11.37 -6.86 -4.28
N VAL A 235 -12.47 -6.11 -4.10
CA VAL A 235 -12.45 -4.62 -4.16
C VAL A 235 -11.83 -4.07 -2.86
N LYS A 236 -11.94 -4.78 -1.74
CA LYS A 236 -11.30 -4.41 -0.45
C LYS A 236 -9.76 -4.40 -0.65
N HIS A 237 -9.23 -5.30 -1.48
CA HIS A 237 -7.78 -5.39 -1.80
C HIS A 237 -7.37 -4.22 -2.73
N LYS A 238 -8.24 -3.83 -3.66
CA LYS A 238 -8.01 -2.66 -4.54
C LYS A 238 -7.85 -1.41 -3.67
N ILE A 239 -8.60 -1.33 -2.55
CA ILE A 239 -8.50 -0.27 -1.51
C ILE A 239 -7.18 -0.43 -0.76
N LEU A 240 -6.77 -1.66 -0.43
CA LEU A 240 -5.49 -1.97 0.26
C LEU A 240 -4.32 -1.50 -0.60
N ASP A 241 -4.32 -1.89 -1.88
CA ASP A 241 -3.33 -1.45 -2.91
C ASP A 241 -3.29 0.08 -2.95
N ALA A 242 -4.46 0.72 -3.03
CA ALA A 242 -4.61 2.20 -3.16
C ALA A 242 -3.94 2.90 -1.96
N ILE A 243 -4.11 2.40 -0.73
CA ILE A 243 -3.55 3.02 0.51
C ILE A 243 -2.02 2.88 0.49
N GLY A 244 -1.51 1.75 0.00
CA GLY A 244 -0.07 1.54 -0.25
C GLY A 244 0.48 2.58 -1.20
N ASP A 245 -0.01 2.60 -2.45
CA ASP A 245 0.47 3.47 -3.54
C ASP A 245 0.37 4.94 -3.09
N LEU A 246 -0.74 5.31 -2.45
CA LEU A 246 -0.98 6.70 -1.99
C LEU A 246 0.05 7.10 -0.93
N TYR A 247 0.64 6.15 -0.20
CA TYR A 247 1.58 6.45 0.91
C TYR A 247 2.94 6.88 0.33
N LEU A 248 3.14 6.69 -0.98
CA LEU A 248 4.36 7.13 -1.70
C LEU A 248 4.42 8.66 -1.77
N LEU A 249 3.33 9.35 -1.36
CA LEU A 249 3.36 10.81 -1.05
C LEU A 249 4.33 11.06 0.11
N GLY A 250 4.55 10.04 0.95
CA GLY A 250 5.55 10.06 2.05
C GLY A 250 4.95 10.55 3.35
N ASN A 251 3.65 10.88 3.34
CA ASN A 251 2.87 11.34 4.53
C ASN A 251 1.44 10.81 4.43
N SER A 252 0.73 10.78 5.56
CA SER A 252 -0.70 10.36 5.66
C SER A 252 -1.57 11.41 4.96
N LEU A 253 -2.69 10.97 4.38
CA LEU A 253 -3.58 11.82 3.55
CA LEU A 253 -3.58 11.81 3.55
C LEU A 253 -4.78 12.28 4.38
N ILE A 254 -5.14 13.56 4.23
CA ILE A 254 -6.42 14.13 4.74
C ILE A 254 -7.24 14.51 3.50
N GLY A 255 -8.11 13.58 3.09
CA GLY A 255 -8.90 13.71 1.86
C GLY A 255 -9.59 12.41 1.51
N GLU A 256 -10.12 12.34 0.30
CA GLU A 256 -10.84 11.15 -0.22
C GLU A 256 -10.16 10.73 -1.52
N PHE A 257 -9.97 9.42 -1.70
CA PHE A 257 -9.56 8.79 -2.98
C PHE A 257 -10.77 8.04 -3.52
N ARG A 258 -11.03 8.20 -4.83
CA ARG A 258 -12.01 7.39 -5.59
C ARG A 258 -11.29 6.82 -6.82
N GLY A 259 -11.34 5.50 -6.99
CA GLY A 259 -10.78 4.79 -8.15
C GLY A 259 -11.89 4.07 -8.90
N PHE A 260 -11.99 4.30 -10.20
CA PHE A 260 -12.80 3.48 -11.13
C PHE A 260 -11.85 2.69 -12.03
N LYS A 261 -11.61 1.42 -11.68
CA LYS A 261 -10.74 0.46 -12.42
C LYS A 261 -9.30 0.98 -12.44
N SER A 262 -8.90 1.80 -11.46
CA SER A 262 -7.54 2.38 -11.37
C SER A 262 -6.60 1.33 -10.76
N GLY A 263 -5.41 1.19 -11.33
CA GLY A 263 -4.34 0.30 -10.84
C GLY A 263 -3.17 1.11 -10.34
N HIS A 264 -1.98 0.50 -10.32
CA HIS A 264 -0.72 1.12 -9.86
C HIS A 264 -0.33 2.25 -10.81
N ALA A 265 -0.49 2.05 -12.12
CA ALA A 265 -0.16 3.03 -13.19
C ALA A 265 -0.86 4.35 -12.88
N LEU A 266 -2.19 4.34 -12.77
CA LEU A 266 -3.01 5.58 -12.55
C LEU A 266 -2.75 6.14 -11.16
N ASN A 267 -2.71 5.29 -10.13
CA ASN A 267 -2.39 5.68 -8.74
C ASN A 267 -1.16 6.59 -8.77
N ASN A 268 -0.11 6.17 -9.48
CA ASN A 268 1.17 6.93 -9.54
C ASN A 268 0.98 8.21 -10.36
N GLN A 269 0.32 8.14 -11.52
CA GLN A 269 -0.04 9.33 -12.33
C GLN A 269 -0.72 10.37 -11.41
N LEU A 270 -1.66 9.92 -10.58
CA LEU A 270 -2.44 10.81 -9.68
C LEU A 270 -1.51 11.58 -8.74
N LEU A 271 -0.60 10.87 -8.05
CA LEU A 271 0.37 11.48 -7.10
C LEU A 271 1.28 12.45 -7.84
N ARG A 272 1.70 12.08 -9.06
CA ARG A 272 2.62 12.92 -9.87
C ARG A 272 1.93 14.25 -10.18
N THR A 273 0.65 14.21 -10.56
CA THR A 273 -0.16 15.41 -10.85
C THR A 273 -0.44 16.20 -9.57
N LEU A 274 -0.82 15.51 -8.49
CA LEU A 274 -1.12 16.14 -7.18
C LEU A 274 0.10 16.97 -6.77
N ILE A 275 1.28 16.33 -6.75
CA ILE A 275 2.54 16.98 -6.29
C ILE A 275 2.78 18.22 -7.16
N ALA A 276 2.69 18.07 -8.48
CA ALA A 276 2.86 19.16 -9.47
C ALA A 276 1.93 20.34 -9.12
N ASP A 277 0.66 20.08 -8.78
CA ASP A 277 -0.38 21.13 -8.55
C ASP A 277 -0.35 21.56 -7.07
N LYS A 278 0.58 22.44 -6.69
CA LYS A 278 0.85 22.80 -5.27
C LYS A 278 -0.29 23.63 -4.68
N ASP A 279 -1.26 24.08 -5.47
CA ASP A 279 -2.46 24.79 -4.98
C ASP A 279 -3.54 23.78 -4.59
N ALA A 280 -3.40 22.52 -5.01
CA ALA A 280 -4.36 21.42 -4.73
C ALA A 280 -4.06 20.71 -3.39
N TRP A 281 -2.97 21.05 -2.69
CA TRP A 281 -2.61 20.42 -1.39
C TRP A 281 -1.71 21.33 -0.54
N GLU A 282 -1.56 20.97 0.74
CA GLU A 282 -0.64 21.61 1.72
C GLU A 282 -0.28 20.59 2.79
N VAL A 283 0.79 20.84 3.54
CA VAL A 283 1.24 20.00 4.69
C VAL A 283 0.68 20.61 5.98
N VAL A 284 0.06 19.79 6.84
CA VAL A 284 -0.53 20.24 8.13
C VAL A 284 -0.05 19.32 9.24
N THR A 285 0.10 19.88 10.44
CA THR A 285 0.30 19.14 11.72
C THR A 285 -0.89 19.43 12.62
N PHE A 286 -1.00 18.70 13.74
CA PHE A 286 -2.06 18.90 14.76
C PHE A 286 -1.40 18.92 16.14
N GLU A 287 -1.31 20.12 16.73
CA GLU A 287 -0.75 20.39 18.08
C GLU A 287 -1.72 19.90 19.16
N ASP A 288 -2.94 19.52 18.77
CA ASP A 288 -4.00 18.99 19.68
C ASP A 288 -4.77 17.88 18.95
N ALA A 289 -4.59 16.63 19.37
CA ALA A 289 -5.15 15.44 18.69
C ALA A 289 -6.69 15.44 18.80
N ARG A 290 -7.25 16.14 19.79
CA ARG A 290 -8.70 16.12 20.10
C ARG A 290 -9.49 16.86 19.01
N THR A 291 -8.85 17.79 18.27
CA THR A 291 -9.48 18.62 17.21
C THR A 291 -9.04 18.14 15.82
N ALA A 292 -8.23 17.08 15.73
CA ALA A 292 -7.71 16.55 14.45
C ALA A 292 -8.80 15.74 13.76
N PRO A 293 -8.88 15.72 12.40
CA PRO A 293 -9.91 14.97 11.70
C PRO A 293 -9.60 13.46 11.62
N ILE A 294 -8.40 13.05 12.07
CA ILE A 294 -7.94 11.63 12.10
C ILE A 294 -7.53 11.26 13.53
N SER A 295 -7.76 10.00 13.92
CA SER A 295 -7.27 9.37 15.18
C SER A 295 -6.59 8.04 14.85
N TYR A 296 -5.64 7.61 15.69
CA TYR A 296 -4.87 6.36 15.51
C TYR A 296 -4.99 5.50 16.78
N MET A 297 -4.86 4.18 16.60
CA MET A 297 -4.75 3.15 17.69
C MET A 297 -3.69 3.59 18.70
N ARG A 298 -3.87 3.24 19.98
CA ARG A 298 -2.81 3.36 21.02
C ARG A 298 -1.53 2.73 20.47
N PRO A 299 -0.33 3.27 20.80
CA PRO A 299 0.93 2.82 20.20
C PRO A 299 1.33 1.37 20.55
ZN ZN B . -2.26 -5.88 -4.32
N1 H2Q C . -1.16 -12.40 -9.64
N1 H2Q C . -1.09 -12.49 -9.74
C4 H2Q C . -1.54 -12.53 -8.35
C4 H2Q C . -1.44 -12.63 -8.44
C5 H2Q C . -1.74 -13.87 -8.07
C5 H2Q C . -1.59 -13.97 -8.16
C6 H2Q C . -1.54 -14.51 -9.31
C6 H2Q C . -1.34 -14.61 -9.39
C7 H2Q C . -1.50 -15.82 -9.45
C7 H2Q C . -1.30 -15.94 -9.49
C8 H2Q C . -1.44 -17.08 -9.66
C8 H2Q C . -1.25 -17.10 -9.69
C10 H2Q C . -1.24 -19.56 -9.99
C10 H2Q C . -1.01 -19.69 -10.01
C13 H2Q C . -1.54 -21.82 -8.97
C13 H2Q C . -2.34 -21.64 -10.41
C15 H2Q C . -1.09 -13.62 -10.30
C15 H2Q C . -0.97 -13.70 -10.39
C17 H2Q C . -1.50 -6.00 -9.30
C17 H2Q C . -1.85 -6.25 -9.40
O5 H2Q C . -4.51 -6.55 -9.87
O5 H2Q C . -4.63 -6.97 -10.13
S H2Q C . -3.98 -6.09 -8.61
S H2Q C . -4.35 -6.60 -8.76
O H2Q C . -3.90 -4.65 -8.60
O H2Q C . -4.59 -5.19 -8.56
C19 H2Q C . -4.94 -6.59 -7.35
C19 H2Q C . -5.31 -7.48 -7.72
C H2Q C . -2.46 -6.75 -8.38
C H2Q C . -2.76 -6.98 -8.42
C18 H2Q C . -2.05 -6.49 -6.95
C18 H2Q C . -2.34 -6.53 -7.03
O4 H2Q C . -2.63 -6.93 -5.98
O4 H2Q C . -2.89 -6.83 -5.97
N2 H2Q C . -1.01 -5.69 -6.78
N2 H2Q C . -1.29 -5.73 -6.96
O3 H2Q C . -0.70 -5.35 -5.45
O3 H2Q C . -0.95 -5.26 -5.69
C1 H2Q C . -2.49 -8.24 -8.69
C1 H2Q C . -2.66 -8.50 -8.60
C2 H2Q C . -1.17 -8.93 -8.40
C2 H2Q C . -1.25 -9.04 -8.46
N H2Q C . -1.21 -10.35 -8.77
N H2Q C . -1.23 -10.45 -8.85
C16 H2Q C . -0.93 -10.98 -9.93
C16 H2Q C . -0.94 -11.06 -10.03
O2 H2Q C . -0.57 -10.47 -11.05
O2 H2Q C . -0.62 -10.52 -11.15
C3 H2Q C . -1.61 -11.25 -7.66
C3 H2Q C . -1.57 -11.36 -7.73
C9 H2Q C . -1.34 -18.43 -9.81
C9 H2Q C . -1.07 -18.47 -9.84
C11 H2Q C . -1.04 -21.01 -10.16
C11 H2Q C . -0.92 -21.12 -10.21
C14 H2Q C . -2.24 -21.93 -10.32
C14 H2Q C . -1.33 -21.76 -11.54
C12 H2Q C . 0.32 -21.45 -10.73
C12 H2Q C . -0.27 -21.95 -9.11
O1 H2Q C . 1.14 -21.99 -9.70
O1 H2Q C . 0.75 -22.78 -9.66
H6 H2Q C . -2.06 -14.15 -7.08
H6 H2Q C . -1.87 -14.27 -7.16
H10 H2Q C . -0.86 -22.62 -8.68
H10 H2Q C . -2.59 -22.56 -9.87
H11 H2Q C . -2.01 -21.22 -8.20
H11 H2Q C . -3.12 -20.88 -10.52
H14 H2Q C . -0.81 -13.67 -11.33
H14 H2Q C . -0.71 -13.73 -11.44
H17 H2Q C . -1.07 -6.68 -9.98
H17 H2Q C . -1.34 -6.96 -10.00
H16 H2Q C . -0.72 -5.57 -8.72
H16 H2Q C . -1.14 -5.67 -8.87
H15 H2Q C . -2.02 -5.25 -9.83
H15 H2Q C . -2.43 -5.62 -10.02
H21 H2Q C . -5.74 -7.19 -7.73
H21 H2Q C . -5.95 -8.11 -8.28
H20 H2Q C . -5.34 -5.75 -6.84
H20 H2Q C . -5.90 -6.82 -7.13
H22 H2Q C . -4.37 -7.16 -6.66
H22 H2Q C . -4.70 -8.07 -7.09
H18 H2Q C . -0.49 -5.31 -7.56
H18 H2Q C . -0.79 -5.45 -7.79
H19 H2Q C . 0.09 -5.71 -5.04
H19 H2Q C . -0.16 -4.72 -5.57
H1 H2Q C . -3.28 -8.71 -8.10
H1 H2Q C . -3.32 -8.98 -7.88
H H2Q C . -2.74 -8.38 -9.75
H H2Q C . -3.04 -8.74 -9.60
H3 H2Q C . -0.37 -8.44 -8.94
H3 H2Q C . -0.58 -8.47 -9.10
H2 H2Q C . -0.94 -8.84 -7.33
H2 H2Q C . -0.91 -8.93 -7.43
H4 H2Q C . -0.91 -11.20 -6.82
H4 H2Q C . -0.87 -11.29 -6.90
H5 H2Q C . -2.63 -11.04 -7.31
H5 H2Q C . -2.60 -11.20 -7.39
H13 H2Q C . -2.08 -22.87 -10.85
H13 H2Q C . -1.00 -22.77 -11.74
H12 H2Q C . -3.22 -21.46 -10.38
H12 H2Q C . -1.55 -21.10 -12.39
H8 H2Q C . 0.16 -22.21 -11.51
H8 H2Q C . 0.16 -21.30 -8.35
H7 H2Q C . 0.82 -20.59 -11.19
H7 H2Q C . -1.03 -22.58 -8.62
H9 H2Q C . 2.00 -22.29 -10.05
H9 H2Q C . 1.12 -23.27 -8.85
#